data_1R4R
#
_entry.id   1R4R
#
_cell.length_a   38.5
_cell.length_b   99.7
_cell.length_c   121.9
_cell.angle_alpha   90
_cell.angle_beta   90
_cell.angle_gamma   90
#
_symmetry.space_group_name_H-M   'P 21 21 21'
#
loop_
_entity.id
_entity.type
_entity.pdbx_description
1 polymer "5'-D(*TP*CP*AP*GP*AP*AP*CP*AP*TP*GP*AP*TP*GP*TP*TP*CP*TP*CP*A)-3'"
2 polymer "5'-D(*CP*TP*GP*AP*GP*AP*AP*CP*AP*TP*CP*AP*TP*GP*TP*TP*CP*TP*G)-3'"
3 polymer 'Glucocorticoid receptor'
4 non-polymer 'ZINC ION'
#
loop_
_entity_poly.entity_id
_entity_poly.type
_entity_poly.pdbx_seq_one_letter_code
_entity_poly.pdbx_strand_id
1 'polydeoxyribonucleotide' (DT)(DC)(DA)(DG)(DA)(DA)(DC)(DA)(DT)(DG)(DA)(DT)(DG)(DT)(DT)(DC)(DT)(DC)(DA) C
2 'polydeoxyribonucleotide' (DC)(DT)(DG)(DA)(DG)(DA)(DA)(DC)(DA)(DT)(DC)(DA)(DT)(DG)(DT)(DT)(DC)(DT)(DG) D
3 'polypeptide(L)'
;MKPARPCLVCSDEASGCHYGVLTCGSCKVFFKRAVEGQHNYLCAGRNDCIIDKIRRKNCPACRYRKCLQAGMNLEARKTK
KKIKGIQQATAG
;
A,B
#
loop_
_chem_comp.id
_chem_comp.type
_chem_comp.name
_chem_comp.formula
DA DNA linking 2'-DEOXYADENOSINE-5'-MONOPHOSPHATE 'C10 H14 N5 O6 P'
DC DNA linking 2'-DEOXYCYTIDINE-5'-MONOPHOSPHATE 'C9 H14 N3 O7 P'
DG DNA linking 2'-DEOXYGUANOSINE-5'-MONOPHOSPHATE 'C10 H14 N5 O7 P'
DT DNA linking THYMIDINE-5'-MONOPHOSPHATE 'C10 H15 N2 O8 P'
ZN non-polymer 'ZINC ION' 'Zn 2'
#
# COMPACT_ATOMS: atom_id res chain seq x y z
N ARG C 5 8.45 14.98 17.99
CA ARG C 5 8.39 15.58 16.63
C ARG C 5 6.90 15.63 16.24
N PRO C 6 6.54 16.42 15.20
CA PRO C 6 5.14 16.53 14.76
C PRO C 6 4.67 15.16 14.27
N CYS C 7 3.60 14.66 14.87
CA CYS C 7 3.05 13.34 14.57
C CYS C 7 4.14 12.34 14.95
N LEU C 8 4.03 11.79 16.14
CA LEU C 8 4.99 10.80 16.59
C LEU C 8 4.63 9.48 15.90
N VAL C 9 3.92 9.59 14.77
CA VAL C 9 3.46 8.47 13.97
C VAL C 9 3.83 8.64 12.49
N CYS C 10 3.55 9.80 11.89
CA CYS C 10 3.87 10.01 10.49
C CYS C 10 4.82 11.16 10.16
N SER C 11 5.31 11.86 11.18
CA SER C 11 6.24 12.98 10.99
C SER C 11 5.71 14.13 10.15
N ASP C 12 4.41 14.11 9.85
CA ASP C 12 3.77 15.17 9.08
C ASP C 12 3.38 16.25 10.10
N GLU C 13 2.89 17.39 9.64
CA GLU C 13 2.49 18.45 10.54
C GLU C 13 1.30 18.04 11.39
N ALA C 14 1.54 17.94 12.70
CA ALA C 14 0.49 17.53 13.63
C ALA C 14 -0.48 18.69 13.96
N SER C 15 -1.75 18.35 14.15
CA SER C 15 -2.75 19.35 14.46
C SER C 15 -2.83 19.53 15.98
N GLY C 16 -2.40 18.50 16.71
CA GLY C 16 -2.43 18.56 18.16
C GLY C 16 -2.72 17.20 18.75
N CYS C 17 -2.37 17.00 20.02
CA CYS C 17 -2.62 15.72 20.69
C CYS C 17 -3.98 15.18 20.28
N HIS C 18 -3.97 13.98 19.70
CA HIS C 18 -5.19 13.31 19.27
C HIS C 18 -5.18 11.95 19.92
N TYR C 19 -6.33 11.53 20.42
CA TYR C 19 -6.48 10.25 21.10
C TYR C 19 -5.31 9.90 22.04
N GLY C 20 -4.61 10.92 22.52
CA GLY C 20 -3.50 10.70 23.43
C GLY C 20 -2.10 11.06 22.95
N VAL C 21 -1.87 11.09 21.63
CA VAL C 21 -0.55 11.41 21.10
C VAL C 21 -0.60 12.41 19.95
N LEU C 22 0.45 13.23 19.84
CA LEU C 22 0.54 14.25 18.80
C LEU C 22 0.44 13.63 17.40
N THR C 23 -0.53 14.08 16.62
CA THR C 23 -0.73 13.52 15.31
C THR C 23 -1.30 14.53 14.33
N CYS C 24 -1.23 14.20 13.04
CA CYS C 24 -1.76 15.06 12.00
C CYS C 24 -3.26 14.85 11.99
N GLY C 25 -3.95 15.51 11.07
CA GLY C 25 -5.38 15.33 10.98
C GLY C 25 -5.66 13.94 10.45
N SER C 26 -4.91 13.57 9.42
CA SER C 26 -5.05 12.26 8.78
C SER C 26 -4.98 11.18 9.85
N CYS C 27 -3.82 11.05 10.48
CA CYS C 27 -3.60 10.05 11.52
C CYS C 27 -4.74 9.87 12.49
N LYS C 28 -5.42 10.97 12.80
CA LYS C 28 -6.54 10.92 13.70
C LYS C 28 -7.52 9.91 13.11
N VAL C 29 -8.16 10.29 12.00
CA VAL C 29 -9.15 9.46 11.34
C VAL C 29 -8.70 8.03 11.11
N PHE C 30 -7.52 7.86 10.53
CA PHE C 30 -6.99 6.52 10.25
C PHE C 30 -7.13 5.65 11.49
N PHE C 31 -6.66 6.15 12.63
CA PHE C 31 -6.74 5.38 13.88
C PHE C 31 -8.15 5.24 14.42
N LYS C 32 -9.06 6.12 14.01
CA LYS C 32 -10.43 5.97 14.49
C LYS C 32 -11.08 4.87 13.65
N ARG C 33 -10.94 4.99 12.33
CA ARG C 33 -11.52 4.01 11.41
C ARG C 33 -10.89 2.62 11.51
N ALA C 34 -9.58 2.59 11.74
CA ALA C 34 -8.86 1.32 11.87
C ALA C 34 -9.44 0.50 13.01
N VAL C 35 -9.49 1.13 14.18
CA VAL C 35 -9.98 0.51 15.41
C VAL C 35 -11.44 0.03 15.35
N GLU C 36 -12.36 0.93 15.01
CA GLU C 36 -13.78 0.55 14.92
C GLU C 36 -14.09 -0.12 13.57
N GLY C 37 -13.08 -0.70 12.92
CA GLY C 37 -13.33 -1.30 11.63
C GLY C 37 -12.90 -2.72 11.32
N GLN C 38 -13.83 -3.46 10.70
CA GLN C 38 -13.58 -4.83 10.27
C GLN C 38 -12.46 -4.70 9.24
N HIS C 39 -11.33 -5.36 9.51
CA HIS C 39 -10.16 -5.29 8.64
C HIS C 39 -9.28 -6.53 8.63
N ASN C 40 -8.26 -6.45 7.78
CA ASN C 40 -7.27 -7.51 7.62
C ASN C 40 -6.08 -6.78 6.99
N TYR C 41 -5.46 -5.93 7.80
CA TYR C 41 -4.31 -5.15 7.38
C TYR C 41 -3.09 -6.04 7.40
N LEU C 42 -2.52 -6.29 6.22
CA LEU C 42 -1.33 -7.14 6.10
C LEU C 42 -0.19 -6.42 5.42
N CYS C 43 0.96 -6.43 6.08
CA CYS C 43 2.17 -5.79 5.61
C CYS C 43 2.77 -6.64 4.49
N ALA C 44 3.50 -6.01 3.58
CA ALA C 44 4.14 -6.72 2.47
C ALA C 44 5.65 -6.64 2.59
N GLY C 45 6.13 -6.43 3.82
CA GLY C 45 7.54 -6.31 4.09
C GLY C 45 7.95 -7.11 5.32
N ARG C 46 8.55 -6.43 6.30
CA ARG C 46 9.01 -7.11 7.52
C ARG C 46 8.58 -6.41 8.80
N ASN C 47 7.41 -5.78 8.75
CA ASN C 47 6.85 -5.04 9.89
C ASN C 47 7.85 -4.00 10.37
N ASP C 48 8.42 -3.24 9.42
CA ASP C 48 9.39 -2.21 9.77
C ASP C 48 9.36 -1.05 8.76
N CYS C 49 8.20 -0.83 8.16
CA CYS C 49 8.05 0.22 7.17
C CYS C 49 8.33 1.63 7.67
N ILE C 50 8.82 2.48 6.76
CA ILE C 50 9.09 3.88 7.03
C ILE C 50 7.73 4.53 6.86
N ILE C 51 7.41 5.53 7.67
CA ILE C 51 6.12 6.21 7.55
C ILE C 51 6.27 7.71 7.64
N ASP C 52 5.98 8.40 6.55
CA ASP C 52 6.09 9.84 6.49
C ASP C 52 4.77 10.34 5.95
N LYS C 53 4.77 11.58 5.47
CA LYS C 53 3.59 12.18 4.89
C LYS C 53 3.12 11.34 3.68
N ILE C 54 4.04 11.13 2.74
CA ILE C 54 3.79 10.39 1.52
C ILE C 54 3.75 8.88 1.65
N ARG C 55 4.76 8.33 2.31
CA ARG C 55 4.88 6.89 2.51
C ARG C 55 3.83 6.26 3.44
N ARG C 56 2.98 7.08 4.07
CA ARG C 56 1.98 6.58 4.99
C ARG C 56 0.81 5.81 4.38
N LYS C 57 0.27 6.31 3.27
CA LYS C 57 -0.85 5.64 2.61
C LYS C 57 -0.50 4.19 2.30
N ASN C 58 0.77 3.96 2.00
CA ASN C 58 1.29 2.64 1.68
C ASN C 58 0.83 1.54 2.63
N CYS C 59 1.59 1.32 3.69
CA CYS C 59 1.26 0.25 4.61
C CYS C 59 0.39 0.55 5.80
N PRO C 60 -0.87 0.10 5.76
CA PRO C 60 -1.80 0.34 6.86
C PRO C 60 -1.45 -0.51 8.09
N ALA C 61 -1.02 -1.75 7.86
CA ALA C 61 -0.68 -2.64 8.96
C ALA C 61 0.36 -2.04 9.89
N CYS C 62 1.44 -1.49 9.33
CA CYS C 62 2.47 -0.87 10.15
C CYS C 62 1.97 0.47 10.70
N ARG C 63 1.42 1.34 9.86
CA ARG C 63 0.94 2.64 10.36
C ARG C 63 0.02 2.45 11.56
N TYR C 64 -0.92 1.52 11.49
CA TYR C 64 -1.82 1.27 12.62
C TYR C 64 -1.00 0.67 13.76
N ARG C 65 -0.06 -0.21 13.43
CA ARG C 65 0.79 -0.79 14.45
C ARG C 65 1.56 0.34 15.11
N LYS C 66 1.70 1.47 14.41
CA LYS C 66 2.38 2.64 14.94
C LYS C 66 1.36 3.41 15.80
N CYS C 67 0.11 3.44 15.37
CA CYS C 67 -0.96 4.11 16.12
C CYS C 67 -1.37 3.11 17.21
N LEU C 68 -0.40 2.46 17.82
CA LEU C 68 -0.69 1.47 18.85
C LEU C 68 0.54 1.40 19.74
N GLN C 69 1.70 1.47 19.10
CA GLN C 69 2.96 1.42 19.80
C GLN C 69 3.17 2.73 20.56
N ALA C 70 2.78 3.84 19.94
CA ALA C 70 2.97 5.14 20.56
C ALA C 70 1.72 5.68 21.26
N GLY C 71 1.31 5.00 22.32
CA GLY C 71 0.16 5.45 23.08
C GLY C 71 -1.16 5.37 22.34
N MET C 72 -1.47 6.41 21.57
CA MET C 72 -2.70 6.52 20.78
C MET C 72 -3.82 5.56 21.23
N ASN C 73 -4.67 6.03 22.13
CA ASN C 73 -5.76 5.21 22.65
C ASN C 73 -7.14 5.68 22.23
N LEU C 74 -8.09 4.76 22.23
CA LEU C 74 -9.46 5.05 21.87
C LEU C 74 -10.19 5.21 23.19
N GLU C 75 -9.63 4.59 24.22
CA GLU C 75 -10.11 4.57 25.61
C GLU C 75 -11.35 3.70 25.78
N ALA C 76 -11.25 2.77 26.72
CA ALA C 76 -12.33 1.83 27.00
C ALA C 76 -13.74 2.42 27.00
N ARG C 77 -14.67 1.65 26.41
CA ARG C 77 -16.09 2.01 26.31
C ARG C 77 -16.37 3.42 25.80
N MET D 1 -11.54 -24.88 -7.18
CA MET D 1 -11.41 -24.78 -8.66
C MET D 1 -11.15 -23.33 -9.07
N LYS D 2 -11.49 -23.00 -10.31
CA LYS D 2 -11.32 -21.67 -10.87
C LYS D 2 -9.88 -21.10 -11.05
N PRO D 3 -8.85 -21.97 -11.09
CA PRO D 3 -7.50 -21.44 -11.25
C PRO D 3 -7.07 -21.32 -12.72
N ALA D 4 -7.39 -20.19 -13.33
CA ALA D 4 -7.05 -19.97 -14.74
C ALA D 4 -5.70 -19.26 -14.95
N ARG D 5 -4.61 -19.87 -14.51
CA ARG D 5 -3.27 -19.29 -14.68
C ARG D 5 -2.99 -17.98 -13.91
N PRO D 6 -2.00 -18.00 -13.00
CA PRO D 6 -1.63 -16.85 -12.19
C PRO D 6 -0.97 -15.71 -12.94
N CYS D 7 -1.34 -14.49 -12.56
CA CYS D 7 -0.82 -13.24 -13.14
C CYS D 7 0.70 -13.22 -12.94
N LEU D 8 1.45 -13.08 -14.03
CA LEU D 8 2.89 -13.06 -13.93
C LEU D 8 3.37 -11.96 -13.02
N VAL D 9 2.53 -10.95 -12.83
CA VAL D 9 2.85 -9.80 -11.96
C VAL D 9 2.54 -10.11 -10.48
N CYS D 10 1.25 -10.07 -10.12
CA CYS D 10 0.86 -10.33 -8.74
C CYS D 10 0.82 -11.83 -8.47
N SER D 11 -0.30 -12.47 -8.81
CA SER D 11 -0.47 -13.90 -8.64
C SER D 11 -1.92 -14.29 -8.92
N ASP D 12 -2.83 -13.33 -8.84
CA ASP D 12 -4.24 -13.58 -9.07
C ASP D 12 -4.48 -14.27 -10.42
N GLU D 13 -5.56 -15.02 -10.53
CA GLU D 13 -5.82 -15.73 -11.80
C GLU D 13 -6.04 -14.73 -12.92
N ALA D 14 -4.98 -14.48 -13.67
CA ALA D 14 -4.97 -13.54 -14.77
C ALA D 14 -5.96 -13.88 -15.89
N SER D 15 -5.85 -13.13 -17.00
CA SER D 15 -6.70 -13.35 -18.15
C SER D 15 -6.10 -12.76 -19.44
N GLY D 16 -5.39 -13.59 -20.19
CA GLY D 16 -4.79 -13.18 -21.45
C GLY D 16 -3.74 -12.09 -21.44
N CYS D 17 -2.70 -12.27 -22.27
CA CYS D 17 -1.61 -11.30 -22.37
C CYS D 17 -2.15 -9.88 -22.44
N HIS D 18 -1.64 -9.01 -21.58
CA HIS D 18 -2.04 -7.61 -21.56
C HIS D 18 -0.75 -6.80 -21.55
N TYR D 19 -0.68 -5.82 -22.44
CA TYR D 19 0.51 -4.98 -22.55
C TYR D 19 1.80 -5.80 -22.60
N GLY D 20 1.72 -7.01 -23.12
CA GLY D 20 2.90 -7.83 -23.23
C GLY D 20 2.99 -9.12 -22.44
N VAL D 21 2.39 -9.17 -21.24
CA VAL D 21 2.49 -10.38 -20.43
C VAL D 21 1.20 -10.76 -19.71
N LEU D 22 1.14 -12.00 -19.20
CA LEU D 22 -0.03 -12.47 -18.48
C LEU D 22 -0.22 -11.61 -17.24
N THR D 23 -1.33 -10.89 -17.20
CA THR D 23 -1.63 -10.01 -16.08
C THR D 23 -3.12 -10.10 -15.83
N CYS D 24 -3.51 -9.76 -14.61
CA CYS D 24 -4.93 -9.78 -14.23
C CYS D 24 -5.61 -8.53 -14.79
N GLY D 25 -6.93 -8.47 -14.69
CA GLY D 25 -7.63 -7.30 -15.18
C GLY D 25 -7.19 -6.11 -14.33
N SER D 26 -6.79 -6.41 -13.10
CA SER D 26 -6.33 -5.42 -12.16
C SER D 26 -5.03 -4.83 -12.70
N CYS D 27 -4.00 -5.66 -12.78
CA CYS D 27 -2.71 -5.22 -13.26
C CYS D 27 -2.77 -4.55 -14.62
N LYS D 28 -3.68 -4.99 -15.48
CA LYS D 28 -3.81 -4.40 -16.80
C LYS D 28 -4.09 -2.91 -16.68
N VAL D 29 -5.15 -2.56 -15.96
CA VAL D 29 -5.53 -1.16 -15.79
C VAL D 29 -4.50 -0.38 -14.99
N PHE D 30 -3.76 -1.06 -14.11
CA PHE D 30 -2.76 -0.39 -13.29
C PHE D 30 -1.61 0.08 -14.16
N PHE D 31 -1.08 -0.80 -15.00
CA PHE D 31 0.04 -0.46 -15.86
C PHE D 31 -0.31 0.60 -16.90
N LYS D 32 -1.58 0.66 -17.30
CA LYS D 32 -1.99 1.68 -18.24
C LYS D 32 -2.09 2.97 -17.41
N ARG D 33 -2.62 2.82 -16.19
CA ARG D 33 -2.83 3.92 -15.24
C ARG D 33 -1.54 4.50 -14.66
N ALA D 34 -0.53 3.64 -14.51
CA ALA D 34 0.74 4.05 -13.93
C ALA D 34 1.65 4.81 -14.87
N VAL D 35 1.43 4.65 -16.16
CA VAL D 35 2.28 5.32 -17.15
C VAL D 35 1.76 6.67 -17.63
N GLU D 36 0.45 6.76 -17.83
CA GLU D 36 -0.16 8.00 -18.31
C GLU D 36 -0.05 9.18 -17.34
N GLY D 37 -0.69 9.06 -16.18
CA GLY D 37 -0.68 10.13 -15.20
C GLY D 37 0.59 10.29 -14.38
N GLN D 38 0.71 11.45 -13.73
CA GLN D 38 1.87 11.74 -12.89
C GLN D 38 1.77 10.82 -11.66
N HIS D 39 2.86 10.13 -11.35
CA HIS D 39 2.83 9.22 -10.22
C HIS D 39 4.03 9.27 -9.24
N ASN D 40 5.22 8.95 -9.73
CA ASN D 40 6.43 8.92 -8.91
C ASN D 40 6.15 8.38 -7.49
N TYR D 41 5.86 7.08 -7.45
CA TYR D 41 5.53 6.35 -6.22
C TYR D 41 6.71 6.21 -5.24
N LEU D 42 6.44 5.85 -4.00
CA LEU D 42 7.49 5.67 -2.99
C LEU D 42 7.30 4.40 -2.16
N CYS D 43 8.24 3.46 -2.31
CA CYS D 43 8.19 2.20 -1.59
C CYS D 43 8.47 2.41 -0.11
N ALA D 44 7.58 1.91 0.75
CA ALA D 44 7.77 2.06 2.19
C ALA D 44 8.57 0.95 2.83
N GLY D 45 9.46 0.30 2.08
CA GLY D 45 10.22 -0.79 2.65
C GLY D 45 11.58 -0.97 2.03
N ARG D 46 11.99 -2.23 1.88
CA ARG D 46 13.30 -2.54 1.31
C ARG D 46 13.26 -2.98 -0.16
N ASN D 47 12.48 -2.27 -0.97
CA ASN D 47 12.35 -2.57 -2.40
C ASN D 47 12.23 -4.06 -2.77
N ASP D 48 11.40 -4.78 -2.02
CA ASP D 48 11.19 -6.20 -2.26
C ASP D 48 9.89 -6.61 -1.59
N CYS D 49 8.85 -5.83 -1.85
CA CYS D 49 7.54 -6.07 -1.25
C CYS D 49 6.76 -7.14 -1.99
N ILE D 50 6.16 -8.04 -1.23
CA ILE D 50 5.33 -9.10 -1.78
C ILE D 50 4.13 -8.44 -2.46
N ILE D 51 3.74 -8.92 -3.63
CA ILE D 51 2.61 -8.33 -4.36
C ILE D 51 1.51 -9.35 -4.66
N ASP D 52 1.24 -10.27 -3.73
CA ASP D 52 0.18 -11.25 -3.96
C ASP D 52 -1.19 -10.57 -4.04
N LYS D 53 -2.24 -11.33 -4.32
CA LYS D 53 -3.59 -10.75 -4.45
C LYS D 53 -4.06 -9.80 -3.34
N ILE D 54 -3.59 -10.03 -2.12
CA ILE D 54 -3.98 -9.20 -0.99
C ILE D 54 -3.13 -7.94 -0.90
N ARG D 55 -1.91 -8.11 -0.42
CA ARG D 55 -0.97 -7.02 -0.23
C ARG D 55 -0.63 -6.23 -1.50
N ARG D 56 -1.23 -6.55 -2.64
CA ARG D 56 -0.91 -5.84 -3.87
C ARG D 56 -1.25 -4.35 -3.86
N LYS D 57 -2.07 -3.91 -2.91
CA LYS D 57 -2.45 -2.50 -2.82
C LYS D 57 -1.40 -1.75 -2.02
N ASN D 58 -0.80 -2.46 -1.06
CA ASN D 58 0.20 -1.92 -0.17
C ASN D 58 1.27 -1.05 -0.79
N CYS D 59 1.99 -1.59 -1.77
CA CYS D 59 3.07 -0.86 -2.38
C CYS D 59 3.04 -0.81 -3.90
N PRO D 60 2.39 0.20 -4.46
CA PRO D 60 2.33 0.33 -5.91
C PRO D 60 3.69 0.74 -6.48
N ALA D 61 4.64 0.99 -5.61
CA ALA D 61 5.98 1.37 -6.05
C ALA D 61 6.73 0.12 -6.47
N CYS D 62 6.40 -1.00 -5.82
CA CYS D 62 7.00 -2.29 -6.12
C CYS D 62 6.21 -3.01 -7.21
N ARG D 63 4.88 -2.92 -7.16
CA ARG D 63 4.05 -3.59 -8.17
C ARG D 63 4.43 -3.05 -9.52
N TYR D 64 4.71 -1.75 -9.60
CA TYR D 64 5.10 -1.15 -10.87
C TYR D 64 6.43 -1.75 -11.30
N ARG D 65 7.37 -1.86 -10.36
CA ARG D 65 8.65 -2.46 -10.68
C ARG D 65 8.37 -3.85 -11.19
N LYS D 66 7.43 -4.56 -10.56
CA LYS D 66 7.08 -5.92 -10.98
C LYS D 66 6.53 -5.94 -12.40
N CYS D 67 5.78 -4.90 -12.76
CA CYS D 67 5.23 -4.80 -14.11
C CYS D 67 6.39 -4.57 -15.06
N LEU D 68 7.22 -3.58 -14.76
CA LEU D 68 8.37 -3.24 -15.57
C LEU D 68 9.37 -4.39 -15.70
N GLN D 69 9.30 -5.36 -14.77
CA GLN D 69 10.19 -6.51 -14.81
C GLN D 69 9.55 -7.65 -15.59
N ALA D 70 8.23 -7.70 -15.60
CA ALA D 70 7.54 -8.73 -16.36
C ALA D 70 7.42 -8.26 -17.81
N GLY D 71 8.26 -7.30 -18.16
CA GLY D 71 8.29 -6.78 -19.51
C GLY D 71 7.06 -6.08 -20.03
N MET D 72 6.13 -5.72 -19.14
CA MET D 72 4.91 -5.04 -19.57
C MET D 72 5.30 -3.77 -20.34
N ASN D 73 4.49 -3.42 -21.33
CA ASN D 73 4.73 -2.25 -22.15
C ASN D 73 3.53 -1.99 -23.05
N LEU D 74 3.41 -0.76 -23.56
CA LEU D 74 2.30 -0.40 -24.43
C LEU D 74 2.51 -0.76 -25.90
N GLU D 75 3.65 -1.38 -26.18
CA GLU D 75 4.02 -1.83 -27.52
C GLU D 75 4.32 -0.69 -28.50
N ALA D 76 3.28 0.08 -28.82
CA ALA D 76 3.31 1.21 -29.76
C ALA D 76 2.91 0.74 -31.17
N ARG D 77 3.08 1.60 -32.16
CA ARG D 77 2.70 1.27 -33.53
C ARG D 77 3.91 1.26 -34.48
ZN ZN E . 0.27 11.76 10.81
ZN ZN F . 4.33 -2.45 6.58
ZN ZN G . -2.01 -8.99 -11.16
ZN ZN H . 7.60 -1.66 -1.73
#